data_1F7Q
#
_entry.id   1F7Q
#
_cell.length_a   68.35
_cell.length_b   71.65
_cell.length_c   76.92
_cell.angle_alpha   90
_cell.angle_beta   90
_cell.angle_gamma   90
#
_symmetry.space_group_name_H-M   'P 21 21 21'
#
loop_
_entity.id
_entity.type
_entity.pdbx_description
1 polymer 'POL POLYPROTEIN'
2 non-polymer "DEOXYURIDINE-5'-TRIPHOSPHATE"
3 water water
#
_entity_poly.entity_id   1
_entity_poly.type   'polypeptide(L)'
_entity_poly.pdbx_seq_one_letter_code
;MIIEGDGILDKRSEDAGYDLLAAKEIHLLPGEVKVIPTGVKLMLPKGYWGLIIGKSSIGSKGLDVLGGVIDEGYRGEIGV
IMINVSRKSITLMERQKIAQLIILPCKHEVLEQGKVVMDSERGDNGYGSTGVFSSW
;
_entity_poly.pdbx_strand_id   A,B,C
#
# COMPACT_ATOMS: atom_id res chain seq x y z
N MET A 1 -19.76 11.45 2.62
CA MET A 1 -19.81 11.59 1.15
C MET A 1 -20.92 10.70 0.61
N ILE A 2 -21.26 10.90 -0.66
CA ILE A 2 -22.32 10.14 -1.31
C ILE A 2 -21.91 8.75 -1.78
N ILE A 3 -22.57 7.74 -1.23
CA ILE A 3 -22.32 6.36 -1.57
C ILE A 3 -23.58 5.77 -2.18
N GLU A 4 -23.42 4.70 -2.93
CA GLU A 4 -24.55 4.04 -3.58
C GLU A 4 -24.33 2.53 -3.52
N GLY A 5 -24.83 1.90 -2.46
CA GLY A 5 -24.69 0.45 -2.29
C GLY A 5 -24.74 -0.02 -0.83
N ASP A 6 -24.46 -1.31 -0.61
CA ASP A 6 -24.48 -1.84 0.75
C ASP A 6 -23.13 -2.32 1.23
N GLY A 7 -22.17 -2.43 0.30
CA GLY A 7 -20.85 -2.92 0.67
C GLY A 7 -19.95 -2.06 1.55
N ILE A 8 -20.44 -0.95 2.08
CA ILE A 8 -19.60 -0.11 2.93
C ILE A 8 -20.28 0.30 4.23
N LEU A 9 -19.51 0.32 5.32
CA LEU A 9 -20.02 0.66 6.66
C LEU A 9 -19.35 1.91 7.23
N ASP A 10 -20.13 2.76 7.91
CA ASP A 10 -19.61 3.99 8.52
C ASP A 10 -18.49 3.65 9.48
N LYS A 11 -17.78 4.67 9.98
CA LYS A 11 -16.66 4.43 10.89
C LYS A 11 -16.60 5.39 12.08
N ARG A 12 -15.80 5.02 13.08
CA ARG A 12 -15.62 5.87 14.26
C ARG A 12 -14.70 7.01 13.79
N SER A 13 -14.75 8.15 14.45
CA SER A 13 -13.89 9.24 14.04
C SER A 13 -12.46 8.82 14.35
N GLU A 14 -12.30 7.80 15.20
CA GLU A 14 -10.95 7.33 15.55
C GLU A 14 -10.48 6.29 14.56
N ASP A 15 -11.40 5.82 13.72
CA ASP A 15 -11.10 4.82 12.71
C ASP A 15 -10.60 5.54 11.45
N ALA A 16 -9.53 5.02 10.86
CA ALA A 16 -8.96 5.63 9.67
C ALA A 16 -9.78 5.36 8.40
N GLY A 17 -10.41 4.19 8.30
CA GLY A 17 -11.16 3.88 7.10
C GLY A 17 -12.45 3.09 7.23
N TYR A 18 -13.19 3.01 6.13
CA TYR A 18 -14.48 2.31 6.07
C TYR A 18 -14.35 0.88 5.56
N ASP A 19 -14.99 -0.06 6.23
CA ASP A 19 -14.93 -1.46 5.83
C ASP A 19 -15.69 -1.76 4.53
N LEU A 20 -15.09 -2.61 3.70
CA LEU A 20 -15.69 -3.05 2.44
C LEU A 20 -16.11 -4.50 2.63
N LEU A 21 -17.29 -4.85 2.13
CA LEU A 21 -17.83 -6.20 2.26
C LEU A 21 -17.90 -6.84 0.89
N ALA A 22 -17.86 -8.17 0.84
CA ALA A 22 -17.94 -8.86 -0.45
C ALA A 22 -19.36 -8.78 -0.99
N ALA A 23 -19.51 -8.35 -2.24
CA ALA A 23 -20.84 -8.22 -2.83
C ALA A 23 -21.51 -9.58 -2.91
N LYS A 24 -20.88 -10.51 -3.63
CA LYS A 24 -21.42 -11.84 -3.78
C LYS A 24 -20.43 -12.87 -3.23
N GLU A 25 -20.76 -14.15 -3.40
CA GLU A 25 -19.88 -15.22 -2.95
C GLU A 25 -18.92 -15.47 -4.11
N ILE A 26 -17.61 -15.54 -3.83
CA ILE A 26 -16.63 -15.73 -4.91
C ILE A 26 -15.72 -16.92 -4.78
N HIS A 27 -15.62 -17.69 -5.87
CA HIS A 27 -14.76 -18.85 -5.92
C HIS A 27 -13.43 -18.44 -6.54
N LEU A 28 -12.34 -18.71 -5.83
CA LEU A 28 -11.02 -18.40 -6.34
C LEU A 28 -10.19 -19.68 -6.43
N LEU A 29 -10.13 -20.26 -7.64
CA LEU A 29 -9.36 -21.48 -7.86
C LEU A 29 -7.91 -21.17 -7.47
N PRO A 30 -7.06 -22.20 -7.34
CA PRO A 30 -5.64 -22.01 -6.98
C PRO A 30 -4.88 -21.19 -8.02
N GLY A 31 -4.19 -20.16 -7.56
CA GLY A 31 -3.41 -19.31 -8.45
C GLY A 31 -4.29 -18.44 -9.34
N GLU A 32 -5.54 -18.25 -8.94
CA GLU A 32 -6.44 -17.43 -9.74
C GLU A 32 -6.55 -16.04 -9.11
N VAL A 33 -6.56 -15.01 -9.95
CA VAL A 33 -6.67 -13.63 -9.50
C VAL A 33 -8.09 -13.22 -9.85
N LYS A 34 -8.80 -12.61 -8.90
CA LYS A 34 -10.16 -12.19 -9.15
C LYS A 34 -10.55 -10.85 -8.52
N VAL A 35 -11.26 -10.04 -9.30
CA VAL A 35 -11.74 -8.75 -8.83
C VAL A 35 -12.99 -9.02 -8.00
N ILE A 36 -12.86 -8.90 -6.69
CA ILE A 36 -13.97 -9.12 -5.78
C ILE A 36 -14.87 -7.89 -5.77
N PRO A 37 -16.09 -8.02 -6.31
CA PRO A 37 -17.05 -6.90 -6.35
C PRO A 37 -17.52 -6.51 -4.96
N THR A 38 -17.74 -5.23 -4.75
CA THR A 38 -18.19 -4.73 -3.45
C THR A 38 -19.61 -4.21 -3.56
N GLY A 39 -19.97 -3.75 -4.76
CA GLY A 39 -21.32 -3.23 -4.98
C GLY A 39 -21.55 -1.83 -4.44
N VAL A 40 -20.50 -1.03 -4.42
CA VAL A 40 -20.64 0.33 -3.94
C VAL A 40 -19.99 1.31 -4.92
N LYS A 41 -20.61 2.48 -5.06
CA LYS A 41 -20.10 3.55 -5.92
C LYS A 41 -19.80 4.69 -4.98
N LEU A 42 -18.88 5.56 -5.35
CA LEU A 42 -18.54 6.66 -4.48
C LEU A 42 -18.49 8.00 -5.18
N MET A 43 -18.48 9.05 -4.37
CA MET A 43 -18.37 10.42 -4.85
C MET A 43 -17.37 11.07 -3.89
N LEU A 44 -16.11 10.65 -4.06
CA LEU A 44 -15.00 11.14 -3.26
C LEU A 44 -14.92 12.66 -3.26
N PRO A 45 -14.81 13.26 -2.08
CA PRO A 45 -14.72 14.72 -2.07
C PRO A 45 -13.61 15.19 -3.03
N LYS A 46 -13.79 16.39 -3.60
CA LYS A 46 -12.82 16.95 -4.54
C LYS A 46 -11.41 16.97 -3.93
N GLY A 47 -10.41 16.61 -4.72
CA GLY A 47 -9.03 16.63 -4.23
C GLY A 47 -8.55 15.39 -3.51
N TYR A 48 -9.46 14.49 -3.17
CA TYR A 48 -9.08 13.27 -2.47
C TYR A 48 -9.16 12.03 -3.36
N TRP A 49 -8.58 10.93 -2.87
CA TRP A 49 -8.62 9.66 -3.58
C TRP A 49 -8.84 8.55 -2.54
N GLY A 50 -9.22 7.36 -3.00
CA GLY A 50 -9.47 6.27 -2.07
C GLY A 50 -8.42 5.20 -2.06
N LEU A 51 -7.88 4.93 -0.89
CA LEU A 51 -6.87 3.90 -0.78
C LEU A 51 -7.50 2.60 -0.27
N ILE A 52 -7.39 1.53 -1.05
CA ILE A 52 -7.92 0.24 -0.63
C ILE A 52 -6.78 -0.53 0.02
N ILE A 53 -6.97 -0.96 1.25
CA ILE A 53 -5.96 -1.73 1.96
C ILE A 53 -6.62 -3.01 2.42
N GLY A 54 -6.12 -4.14 1.91
CA GLY A 54 -6.70 -5.44 2.25
C GLY A 54 -6.87 -5.68 3.73
N LYS A 55 -7.77 -6.59 4.07
CA LYS A 55 -8.01 -6.92 5.47
C LYS A 55 -7.01 -8.00 5.84
N SER A 56 -6.23 -7.76 6.90
CA SER A 56 -5.21 -8.71 7.34
C SER A 56 -5.66 -10.19 7.33
N SER A 57 -6.77 -10.49 8.00
CA SER A 57 -7.27 -11.86 8.08
C SER A 57 -7.45 -12.63 6.77
N ILE A 58 -7.76 -11.94 5.66
CA ILE A 58 -7.94 -12.68 4.41
C ILE A 58 -6.66 -12.78 3.56
N GLY A 59 -5.55 -12.31 4.14
CA GLY A 59 -4.27 -12.39 3.47
C GLY A 59 -3.60 -13.60 4.10
N SER A 60 -4.08 -13.93 5.30
CA SER A 60 -3.60 -15.08 6.03
C SER A 60 -4.33 -16.24 5.42
N LYS A 61 -5.59 -16.02 5.07
CA LYS A 61 -6.43 -17.05 4.47
C LYS A 61 -5.99 -17.43 3.06
N GLY A 62 -4.72 -17.18 2.74
CA GLY A 62 -4.15 -17.53 1.44
C GLY A 62 -4.47 -16.65 0.24
N LEU A 63 -4.80 -15.38 0.48
CA LEU A 63 -5.14 -14.45 -0.59
C LEU A 63 -4.32 -13.18 -0.53
N ASP A 64 -3.95 -12.67 -1.70
CA ASP A 64 -3.18 -11.43 -1.76
C ASP A 64 -4.00 -10.33 -2.43
N VAL A 65 -4.23 -9.22 -1.71
CA VAL A 65 -5.01 -8.08 -2.19
C VAL A 65 -4.17 -6.99 -2.86
N LEU A 66 -4.21 -6.98 -4.19
CA LEU A 66 -3.44 -6.07 -5.03
C LEU A 66 -3.89 -4.62 -5.13
N GLY A 67 -3.10 -3.86 -5.90
CA GLY A 67 -3.27 -2.43 -6.13
C GLY A 67 -4.63 -1.83 -5.89
N GLY A 68 -4.75 -1.06 -4.82
CA GLY A 68 -6.04 -0.45 -4.51
C GLY A 68 -6.09 1.06 -4.52
N VAL A 69 -6.33 1.65 -5.69
CA VAL A 69 -6.42 3.10 -5.85
C VAL A 69 -7.75 3.50 -6.52
N ILE A 70 -8.56 4.26 -5.81
CA ILE A 70 -9.82 4.70 -6.40
C ILE A 70 -9.61 6.17 -6.75
N ASP A 71 -9.58 6.49 -8.03
CA ASP A 71 -9.38 7.86 -8.47
C ASP A 71 -10.59 8.74 -8.24
N GLU A 72 -10.29 10.00 -7.95
CA GLU A 72 -11.32 11.01 -7.70
C GLU A 72 -12.42 10.97 -8.75
N GLY A 73 -12.04 10.75 -10.01
CA GLY A 73 -13.02 10.73 -11.09
C GLY A 73 -13.75 9.42 -11.30
N TYR A 74 -13.28 8.35 -10.67
CA TYR A 74 -13.90 7.03 -10.83
C TYR A 74 -15.32 7.01 -10.25
N ARG A 75 -16.30 6.70 -11.10
CA ARG A 75 -17.69 6.66 -10.66
C ARG A 75 -18.31 5.27 -10.80
N GLY A 76 -17.47 4.26 -11.00
CA GLY A 76 -17.97 2.89 -11.11
C GLY A 76 -18.08 2.19 -9.76
N GLU A 77 -18.28 0.87 -9.81
CA GLU A 77 -18.39 0.06 -8.61
C GLU A 77 -16.98 -0.34 -8.15
N ILE A 78 -16.76 -0.28 -6.84
CA ILE A 78 -15.45 -0.61 -6.31
C ILE A 78 -15.22 -2.10 -6.26
N GLY A 79 -14.09 -2.51 -6.80
CA GLY A 79 -13.74 -3.91 -6.81
C GLY A 79 -12.43 -4.08 -6.08
N VAL A 80 -12.23 -5.23 -5.45
CA VAL A 80 -11.02 -5.51 -4.73
C VAL A 80 -10.36 -6.67 -5.44
N ILE A 81 -9.19 -6.41 -6.00
CA ILE A 81 -8.45 -7.41 -6.75
C ILE A 81 -7.66 -8.32 -5.81
N MET A 82 -7.68 -9.63 -6.07
CA MET A 82 -6.95 -10.58 -5.22
C MET A 82 -6.44 -11.78 -5.99
N ILE A 83 -5.39 -12.43 -5.47
CA ILE A 83 -4.82 -13.62 -6.12
C ILE A 83 -4.76 -14.78 -5.13
N ASN A 84 -5.11 -15.98 -5.60
CA ASN A 84 -5.08 -17.17 -4.75
C ASN A 84 -3.69 -17.77 -4.72
N VAL A 85 -2.99 -17.55 -3.62
CA VAL A 85 -1.63 -18.04 -3.46
C VAL A 85 -1.51 -19.30 -2.58
N SER A 86 -2.44 -20.25 -2.76
CA SER A 86 -2.37 -21.49 -2.01
C SER A 86 -2.75 -22.62 -2.96
N ARG A 87 -2.74 -23.85 -2.44
CA ARG A 87 -3.02 -25.03 -3.26
C ARG A 87 -4.47 -25.49 -3.25
N LYS A 88 -5.35 -24.70 -2.65
CA LYS A 88 -6.76 -25.06 -2.58
C LYS A 88 -7.70 -23.92 -2.94
N SER A 89 -8.91 -24.27 -3.34
CA SER A 89 -9.93 -23.29 -3.70
C SER A 89 -10.43 -22.61 -2.44
N ILE A 90 -10.58 -21.30 -2.51
CA ILE A 90 -11.05 -20.52 -1.39
C ILE A 90 -12.28 -19.74 -1.79
N THR A 91 -13.35 -19.93 -1.03
CA THR A 91 -14.61 -19.29 -1.27
C THR A 91 -14.84 -18.12 -0.32
N LEU A 92 -15.02 -16.93 -0.87
CA LEU A 92 -15.30 -15.74 -0.07
C LEU A 92 -16.82 -15.63 -0.08
N MET A 93 -17.41 -15.43 1.10
CA MET A 93 -18.86 -15.34 1.21
C MET A 93 -19.42 -13.94 1.29
N GLU A 94 -20.69 -13.81 0.93
CA GLU A 94 -21.37 -12.53 0.94
C GLU A 94 -21.27 -11.74 2.24
N ARG A 95 -21.25 -10.42 2.08
CA ARG A 95 -21.17 -9.47 3.19
C ARG A 95 -19.99 -9.72 4.11
N GLN A 96 -18.97 -10.37 3.56
CA GLN A 96 -17.75 -10.67 4.30
C GLN A 96 -16.84 -9.46 4.17
N LYS A 97 -16.24 -9.06 5.30
CA LYS A 97 -15.30 -7.93 5.31
C LYS A 97 -14.00 -8.36 4.60
N ILE A 98 -13.71 -7.71 3.48
CA ILE A 98 -12.53 -8.04 2.69
C ILE A 98 -11.46 -6.95 2.63
N ALA A 99 -11.78 -5.74 3.07
CA ALA A 99 -10.81 -4.65 3.02
C ALA A 99 -11.29 -3.34 3.67
N GLN A 100 -10.41 -2.34 3.65
CA GLN A 100 -10.70 -1.03 4.21
C GLN A 100 -10.50 0.03 3.14
N LEU A 101 -11.25 1.13 3.22
CA LEU A 101 -11.13 2.22 2.26
C LEU A 101 -10.83 3.50 3.02
N ILE A 102 -9.67 4.10 2.73
CA ILE A 102 -9.24 5.31 3.39
C ILE A 102 -9.17 6.49 2.43
N ILE A 103 -9.81 7.60 2.79
CA ILE A 103 -9.82 8.79 1.93
C ILE A 103 -8.58 9.62 2.24
N LEU A 104 -7.73 9.79 1.23
CA LEU A 104 -6.47 10.54 1.40
C LEU A 104 -6.32 11.72 0.44
N PRO A 105 -5.57 12.74 0.86
CA PRO A 105 -5.37 13.90 -0.01
C PRO A 105 -4.52 13.56 -1.24
N CYS A 106 -4.67 14.37 -2.27
CA CYS A 106 -3.94 14.12 -3.48
C CYS A 106 -3.35 15.39 -4.09
N LYS A 107 -2.07 15.36 -4.42
CA LYS A 107 -1.41 16.51 -5.01
C LYS A 107 -1.36 16.38 -6.53
N HIS A 108 -1.69 17.46 -7.22
CA HIS A 108 -1.65 17.43 -8.67
C HIS A 108 -0.74 18.53 -9.22
N GLU A 109 0.21 18.14 -10.05
CA GLU A 109 1.13 19.08 -10.65
C GLU A 109 1.55 18.62 -12.02
N VAL A 110 2.01 19.59 -12.82
CA VAL A 110 2.50 19.34 -14.16
C VAL A 110 3.95 18.88 -13.96
N LEU A 111 4.37 17.93 -14.79
CA LEU A 111 5.72 17.38 -14.75
C LEU A 111 6.67 18.23 -15.58
N GLU A 112 7.72 18.73 -14.93
CA GLU A 112 8.70 19.57 -15.63
C GLU A 112 10.10 19.00 -15.63
N GLN A 113 10.64 18.80 -16.83
CA GLN A 113 11.99 18.27 -17.00
C GLN A 113 13.00 19.33 -16.54
N GLY A 114 13.82 18.97 -15.56
CA GLY A 114 14.83 19.87 -15.05
C GLY A 114 16.05 19.07 -14.65
N LYS A 115 16.64 19.41 -13.51
CA LYS A 115 17.81 18.69 -13.02
C LYS A 115 17.58 18.53 -11.52
N VAL A 116 17.78 17.32 -10.99
CA VAL A 116 17.58 17.07 -9.57
C VAL A 116 18.88 16.97 -8.75
N MET B 1 5.34 13.77 18.80
CA MET B 1 4.52 12.59 19.21
C MET B 1 5.11 11.84 20.39
N ILE B 2 4.24 11.33 21.25
CA ILE B 2 4.65 10.59 22.43
C ILE B 2 4.73 9.11 22.09
N ILE B 3 5.87 8.49 22.35
CA ILE B 3 6.04 7.06 22.08
C ILE B 3 6.55 6.34 23.32
N GLU B 4 6.39 5.03 23.33
CA GLU B 4 6.83 4.21 24.45
C GLU B 4 7.46 2.99 23.81
N GLY B 5 8.71 2.70 24.18
CA GLY B 5 9.41 1.57 23.61
C GLY B 5 10.61 2.05 22.82
N ASP B 6 11.37 1.12 22.24
CA ASP B 6 12.55 1.52 21.47
C ASP B 6 12.67 0.76 20.16
N GLY B 7 11.53 0.28 19.66
CA GLY B 7 11.51 -0.45 18.40
C GLY B 7 11.15 0.45 17.22
N ILE B 8 11.30 1.76 17.41
CA ILE B 8 11.01 2.72 16.37
C ILE B 8 12.08 3.78 16.45
N LEU B 9 12.76 4.05 15.34
CA LEU B 9 13.83 5.04 15.37
C LEU B 9 13.32 6.38 14.85
N ASP B 10 13.87 7.46 15.38
CA ASP B 10 13.48 8.81 14.96
C ASP B 10 13.83 8.96 13.47
N LYS B 11 13.42 10.07 12.86
CA LYS B 11 13.68 10.29 11.44
C LYS B 11 14.08 11.71 11.11
N ARG B 12 14.52 11.93 9.88
CA ARG B 12 14.92 13.25 9.43
C ARG B 12 13.76 13.97 8.77
N SER B 13 13.93 15.27 8.55
CA SER B 13 12.88 16.08 7.94
C SER B 13 12.70 15.63 6.46
N GLU B 14 13.76 15.04 5.90
CA GLU B 14 13.77 14.58 4.51
C GLU B 14 13.27 13.14 4.38
N ASP B 15 12.95 12.54 5.52
CA ASP B 15 12.44 11.17 5.58
C ASP B 15 10.93 11.20 5.63
N ALA B 16 10.29 10.14 5.13
CA ALA B 16 8.84 10.07 5.11
C ALA B 16 8.28 9.32 6.31
N GLY B 17 8.93 8.23 6.71
CA GLY B 17 8.45 7.46 7.85
C GLY B 17 9.51 7.11 8.87
N TYR B 18 9.08 6.58 10.02
CA TYR B 18 10.01 6.19 11.06
C TYR B 18 10.16 4.69 10.96
N ASP B 19 11.41 4.22 10.95
CA ASP B 19 11.66 2.78 10.86
C ASP B 19 11.10 2.03 12.06
N LEU B 20 10.75 0.77 11.83
CA LEU B 20 10.21 -0.09 12.87
C LEU B 20 11.10 -1.33 12.96
N LEU B 21 11.63 -1.58 14.15
CA LEU B 21 12.54 -2.69 14.40
C LEU B 21 11.84 -3.92 14.94
N ALA B 22 12.33 -5.10 14.57
CA ALA B 22 11.73 -6.34 15.05
C ALA B 22 12.08 -6.49 16.54
N ALA B 23 11.05 -6.69 17.36
CA ALA B 23 11.26 -6.83 18.81
C ALA B 23 11.90 -8.17 19.17
N LYS B 24 11.82 -9.14 18.26
CA LYS B 24 12.38 -10.47 18.48
C LYS B 24 12.76 -11.10 17.14
N GLU B 25 13.33 -12.29 17.19
CA GLU B 25 13.71 -12.97 15.97
C GLU B 25 12.51 -13.66 15.33
N ILE B 26 12.39 -13.57 14.02
CA ILE B 26 11.26 -14.18 13.32
C ILE B 26 11.68 -15.08 12.16
N HIS B 27 11.08 -16.26 12.10
CA HIS B 27 11.37 -17.18 11.02
C HIS B 27 10.08 -17.51 10.27
N LEU B 28 9.98 -17.04 9.03
CA LEU B 28 8.80 -17.26 8.20
C LEU B 28 9.07 -18.25 7.08
N LEU B 29 8.19 -19.23 6.95
CA LEU B 29 8.33 -20.22 5.89
C LEU B 29 7.67 -19.62 4.64
N PRO B 30 7.90 -20.20 3.46
CA PRO B 30 7.29 -19.69 2.22
C PRO B 30 5.76 -19.62 2.32
N GLY B 31 5.22 -18.43 2.09
CA GLY B 31 3.78 -18.27 2.16
C GLY B 31 3.20 -18.19 3.56
N GLU B 32 4.07 -18.03 4.58
CA GLU B 32 3.62 -17.96 5.96
C GLU B 32 3.36 -16.51 6.36
N VAL B 33 2.38 -16.34 7.25
CA VAL B 33 2.01 -15.01 7.72
C VAL B 33 2.26 -14.98 9.22
N LYS B 34 2.99 -13.97 9.69
CA LYS B 34 3.27 -13.83 11.10
C LYS B 34 3.22 -12.36 11.46
N VAL B 35 2.74 -12.05 12.66
CA VAL B 35 2.69 -10.67 13.09
C VAL B 35 4.01 -10.51 13.85
N ILE B 36 4.74 -9.44 13.55
CA ILE B 36 6.03 -9.22 14.21
C ILE B 36 5.94 -8.08 15.20
N PRO B 37 6.21 -8.35 16.48
CA PRO B 37 6.15 -7.34 17.52
C PRO B 37 7.25 -6.30 17.34
N THR B 38 6.95 -5.07 17.74
CA THR B 38 7.90 -3.97 17.65
C THR B 38 8.17 -3.43 19.05
N GLY B 39 7.28 -3.76 19.99
CA GLY B 39 7.42 -3.29 21.35
C GLY B 39 7.22 -1.79 21.44
N VAL B 40 6.59 -1.19 20.43
CA VAL B 40 6.37 0.25 20.45
C VAL B 40 4.89 0.57 20.46
N LYS B 41 4.53 1.49 21.35
CA LYS B 41 3.18 1.97 21.54
C LYS B 41 3.33 3.46 21.29
N LEU B 42 2.25 4.11 20.86
CA LEU B 42 2.36 5.54 20.61
C LEU B 42 1.01 6.25 20.55
N MET B 43 1.09 7.58 20.67
CA MET B 43 -0.10 8.42 20.62
C MET B 43 -0.08 9.26 19.37
N LEU B 44 -0.92 8.87 18.40
CA LEU B 44 -1.00 9.61 17.16
C LEU B 44 -1.71 10.93 17.44
N PRO B 45 -1.16 12.03 16.89
CA PRO B 45 -1.78 13.34 17.11
C PRO B 45 -3.23 13.32 16.64
N LYS B 46 -3.96 14.40 16.91
CA LYS B 46 -5.35 14.44 16.49
C LYS B 46 -5.45 14.72 15.00
N GLY B 47 -6.19 13.88 14.30
CA GLY B 47 -6.40 14.04 12.87
C GLY B 47 -5.42 13.31 11.99
N TYR B 48 -4.71 12.32 12.53
CA TYR B 48 -3.74 11.56 11.76
C TYR B 48 -3.72 10.09 12.14
N TRP B 49 -3.48 9.23 11.15
CA TRP B 49 -3.38 7.79 11.37
C TRP B 49 -1.98 7.37 10.92
N GLY B 50 -1.56 6.16 11.28
CA GLY B 50 -0.24 5.73 10.91
C GLY B 50 -0.24 4.54 9.97
N LEU B 51 0.41 4.74 8.82
CA LEU B 51 0.50 3.71 7.80
C LEU B 51 1.83 2.96 7.86
N ILE B 52 1.75 1.64 7.91
CA ILE B 52 2.91 0.77 7.96
C ILE B 52 3.23 0.29 6.56
N ILE B 53 4.37 0.71 6.02
CA ILE B 53 4.81 0.25 4.69
C ILE B 53 6.20 -0.36 4.84
N GLY B 54 6.47 -1.45 4.13
CA GLY B 54 7.76 -2.08 4.24
C GLY B 54 8.90 -1.25 3.69
N LYS B 55 10.12 -1.61 4.05
CA LYS B 55 11.31 -0.91 3.56
C LYS B 55 11.79 -1.67 2.33
N SER B 56 12.42 -0.97 1.40
CA SER B 56 12.87 -1.63 0.17
C SER B 56 13.80 -2.81 0.37
N SER B 57 14.53 -2.84 1.49
CA SER B 57 15.45 -3.95 1.72
C SER B 57 14.71 -5.24 2.09
N ILE B 58 13.57 -5.13 2.74
CA ILE B 58 12.82 -6.34 3.07
C ILE B 58 11.93 -6.68 1.88
N GLY B 59 11.38 -5.64 1.26
CA GLY B 59 10.52 -5.84 0.11
C GLY B 59 11.27 -6.63 -0.96
N SER B 60 12.49 -6.20 -1.24
CA SER B 60 13.32 -6.86 -2.23
C SER B 60 13.58 -8.31 -1.91
N LYS B 61 13.13 -8.79 -0.75
CA LYS B 61 13.37 -10.18 -0.40
C LYS B 61 12.11 -11.02 -0.42
N GLY B 62 11.01 -10.42 -0.86
CA GLY B 62 9.76 -11.15 -0.94
C GLY B 62 8.86 -11.00 0.26
N LEU B 63 9.21 -10.11 1.18
CA LEU B 63 8.40 -9.91 2.35
C LEU B 63 7.46 -8.73 2.11
N ASP B 64 6.17 -8.89 2.41
CA ASP B 64 5.22 -7.80 2.20
C ASP B 64 4.44 -7.53 3.49
N VAL B 65 3.98 -6.30 3.67
CA VAL B 65 3.23 -5.92 4.86
C VAL B 65 1.74 -5.86 4.59
N LEU B 66 0.97 -6.65 5.34
CA LEU B 66 -0.49 -6.67 5.19
C LEU B 66 -1.16 -5.76 6.22
N GLY B 67 -2.31 -5.19 5.86
CA GLY B 67 -3.05 -4.32 6.74
C GLY B 67 -2.28 -3.48 7.75
N GLY B 68 -1.44 -2.58 7.25
CA GLY B 68 -0.67 -1.74 8.14
C GLY B 68 -1.36 -0.41 8.37
N VAL B 69 -2.52 -0.45 9.01
CA VAL B 69 -3.25 0.77 9.28
C VAL B 69 -3.30 0.93 10.79
N ILE B 70 -2.64 1.95 11.33
CA ILE B 70 -2.67 2.18 12.76
C ILE B 70 -3.63 3.32 13.01
N ASP B 71 -4.71 3.01 13.71
CA ASP B 71 -5.78 3.96 13.98
C ASP B 71 -5.48 5.02 15.03
N GLU B 72 -6.01 6.21 14.80
CA GLU B 72 -5.84 7.33 15.72
C GLU B 72 -6.26 6.80 17.09
N GLY B 73 -7.34 6.01 17.09
CA GLY B 73 -7.82 5.43 18.32
C GLY B 73 -7.30 4.01 18.52
N TYR B 74 -6.04 3.93 18.95
CA TYR B 74 -5.37 2.65 19.19
C TYR B 74 -4.15 2.94 20.04
N ARG B 75 -4.01 2.23 21.14
CA ARG B 75 -2.88 2.44 22.04
C ARG B 75 -2.17 1.14 22.44
N GLY B 76 -2.42 0.06 21.72
CA GLY B 76 -1.77 -1.20 22.04
C GLY B 76 -0.41 -1.26 21.38
N GLU B 77 0.26 -2.41 21.46
CA GLU B 77 1.57 -2.55 20.84
C GLU B 77 1.45 -2.72 19.34
N ILE B 78 2.26 -1.99 18.60
CA ILE B 78 2.23 -2.08 17.16
C ILE B 78 2.85 -3.41 16.76
N GLY B 79 2.20 -4.07 15.80
CA GLY B 79 2.67 -5.35 15.32
C GLY B 79 2.65 -5.30 13.80
N VAL B 80 3.67 -5.89 13.18
CA VAL B 80 3.77 -5.88 11.74
C VAL B 80 3.31 -7.21 11.14
N ILE B 81 2.25 -7.14 10.33
CA ILE B 81 1.69 -8.32 9.66
C ILE B 81 2.53 -8.57 8.42
N MET B 82 3.49 -9.47 8.54
CA MET B 82 4.39 -9.78 7.44
C MET B 82 4.08 -11.11 6.79
N ILE B 83 4.08 -11.12 5.46
CA ILE B 83 3.86 -12.35 4.73
C ILE B 83 5.07 -12.60 3.85
N ASN B 84 5.44 -13.87 3.71
CA ASN B 84 6.58 -14.25 2.91
C ASN B 84 5.98 -14.83 1.63
N VAL B 85 5.95 -14.01 0.59
CA VAL B 85 5.38 -14.43 -0.68
C VAL B 85 6.49 -14.89 -1.62
N SER B 86 7.67 -15.10 -1.05
CA SER B 86 8.79 -15.59 -1.84
C SER B 86 8.72 -17.13 -1.81
N ARG B 87 9.60 -17.79 -2.57
CA ARG B 87 9.62 -19.25 -2.65
C ARG B 87 10.50 -19.95 -1.59
N LYS B 88 11.07 -19.18 -0.66
CA LYS B 88 11.90 -19.80 0.38
C LYS B 88 11.80 -19.08 1.72
N SER B 89 12.14 -19.78 2.79
CA SER B 89 12.06 -19.20 4.13
C SER B 89 13.17 -18.25 4.52
N ILE B 90 12.78 -17.11 5.06
CA ILE B 90 13.71 -16.08 5.48
C ILE B 90 13.62 -15.89 6.98
N THR B 91 14.69 -15.34 7.57
CA THR B 91 14.73 -15.08 9.00
C THR B 91 15.00 -13.61 9.22
N LEU B 92 14.18 -12.97 10.04
CA LEU B 92 14.40 -11.56 10.37
C LEU B 92 15.02 -11.62 11.76
N MET B 93 15.99 -10.76 12.01
CA MET B 93 16.65 -10.78 13.31
C MET B 93 16.18 -9.73 14.28
N GLU B 94 16.58 -9.94 15.54
CA GLU B 94 16.22 -9.04 16.60
C GLU B 94 16.80 -7.67 16.31
N ARG B 95 15.97 -6.65 16.50
CA ARG B 95 16.34 -5.26 16.26
C ARG B 95 16.57 -4.92 14.78
N GLN B 96 16.26 -5.88 13.90
CA GLN B 96 16.44 -5.65 12.48
C GLN B 96 15.26 -4.80 12.00
N LYS B 97 15.53 -3.83 11.12
CA LYS B 97 14.46 -2.99 10.61
C LYS B 97 13.52 -3.89 9.81
N ILE B 98 12.22 -3.64 9.89
CA ILE B 98 11.26 -4.46 9.15
C ILE B 98 10.21 -3.69 8.37
N ALA B 99 9.97 -2.43 8.73
CA ALA B 99 8.96 -1.63 8.03
C ALA B 99 9.13 -0.17 8.44
N GLN B 100 8.25 0.68 7.93
CA GLN B 100 8.27 2.10 8.25
C GLN B 100 6.85 2.49 8.62
N LEU B 101 6.68 3.58 9.35
CA LEU B 101 5.36 4.07 9.75
C LEU B 101 5.31 5.51 9.25
N ILE B 102 4.34 5.81 8.38
CA ILE B 102 4.18 7.17 7.83
C ILE B 102 2.88 7.77 8.35
N ILE B 103 3.01 8.84 9.13
CA ILE B 103 1.86 9.53 9.70
C ILE B 103 1.14 10.34 8.63
N LEU B 104 -0.07 9.92 8.33
CA LEU B 104 -0.89 10.56 7.31
C LEU B 104 -2.16 11.16 7.91
N PRO B 105 -2.73 12.16 7.22
CA PRO B 105 -3.96 12.84 7.67
C PRO B 105 -5.28 12.07 7.51
N CYS B 106 -6.10 12.12 8.56
CA CYS B 106 -7.42 11.49 8.59
C CYS B 106 -8.47 12.38 7.91
N LYS B 107 -9.35 11.76 7.13
CA LYS B 107 -10.42 12.51 6.46
C LYS B 107 -11.74 11.81 6.79
N HIS B 108 -12.48 12.38 7.73
CA HIS B 108 -13.75 11.78 8.12
C HIS B 108 -14.94 12.37 7.38
N GLU B 109 -15.77 11.48 6.86
CA GLU B 109 -16.97 11.85 6.12
C GLU B 109 -18.09 10.98 6.66
N VAL B 110 -19.32 11.46 6.50
CA VAL B 110 -20.47 10.69 6.91
C VAL B 110 -20.94 10.05 5.61
N LEU B 111 -21.32 8.79 5.68
CA LEU B 111 -21.79 8.11 4.50
C LEU B 111 -23.27 8.40 4.34
N GLU B 112 -23.65 8.86 3.15
CA GLU B 112 -25.05 9.19 2.86
C GLU B 112 -25.48 8.45 1.61
N GLN B 113 -26.57 7.68 1.71
CA GLN B 113 -27.08 6.94 0.57
C GLN B 113 -27.50 7.97 -0.46
N GLY B 114 -27.34 7.65 -1.73
CA GLY B 114 -27.72 8.58 -2.77
C GLY B 114 -27.27 8.16 -4.15
N LYS B 115 -27.78 8.86 -5.15
CA LYS B 115 -27.43 8.57 -6.54
C LYS B 115 -26.03 9.13 -6.84
N VAL B 116 -25.19 8.30 -7.45
CA VAL B 116 -23.83 8.70 -7.79
C VAL B 116 -23.71 8.97 -9.29
N MET C 1 6.19 19.91 -10.85
CA MET C 1 7.23 19.11 -10.14
C MET C 1 8.37 18.82 -11.08
N ILE C 2 9.60 18.89 -10.54
CA ILE C 2 10.82 18.66 -11.32
C ILE C 2 11.14 17.16 -11.38
N ILE C 3 11.48 16.71 -12.59
CA ILE C 3 11.81 15.30 -12.81
C ILE C 3 12.98 15.21 -13.77
N GLU C 4 13.45 13.99 -13.97
CA GLU C 4 14.56 13.72 -14.86
C GLU C 4 14.29 12.34 -15.43
N GLY C 5 14.11 12.26 -16.73
CA GLY C 5 13.84 10.98 -17.36
C GLY C 5 12.52 11.01 -18.08
N ASP C 6 12.28 10.03 -18.92
CA ASP C 6 11.03 9.96 -19.66
C ASP C 6 10.22 8.74 -19.24
N GLY C 7 10.54 8.18 -18.07
CA GLY C 7 9.83 7.00 -17.60
C GLY C 7 8.61 7.25 -16.75
N ILE C 8 8.10 8.48 -16.77
CA ILE C 8 6.93 8.83 -15.99
C ILE C 8 6.03 9.69 -16.87
N LEU C 9 4.71 9.60 -16.67
CA LEU C 9 3.76 10.33 -17.49
C LEU C 9 2.90 11.33 -16.71
N ASP C 10 2.54 12.45 -17.32
CA ASP C 10 1.70 13.44 -16.67
C ASP C 10 0.39 12.75 -16.34
N LYS C 11 -0.45 13.39 -15.52
CA LYS C 11 -1.74 12.81 -15.14
C LYS C 11 -2.87 13.85 -15.18
N ARG C 12 -4.10 13.38 -15.39
CA ARG C 12 -5.26 14.27 -15.41
C ARG C 12 -5.47 14.69 -13.97
N SER C 13 -6.29 15.72 -13.76
CA SER C 13 -6.58 16.23 -12.42
C SER C 13 -7.41 15.27 -11.60
N GLU C 14 -8.22 14.48 -12.29
CA GLU C 14 -9.11 13.52 -11.66
C GLU C 14 -8.34 12.29 -11.19
N ASP C 15 -7.17 12.09 -11.78
CA ASP C 15 -6.31 10.95 -11.46
C ASP C 15 -5.45 11.25 -10.23
N ALA C 16 -5.27 10.22 -9.40
CA ALA C 16 -4.48 10.34 -8.18
C ALA C 16 -2.97 10.15 -8.40
N GLY C 17 -2.58 9.30 -9.35
CA GLY C 17 -1.16 9.07 -9.53
C GLY C 17 -0.61 9.16 -10.94
N TYR C 18 0.72 9.22 -11.04
CA TYR C 18 1.40 9.30 -12.33
C TYR C 18 1.83 7.90 -12.71
N ASP C 19 1.70 7.57 -13.98
CA ASP C 19 2.09 6.26 -14.45
C ASP C 19 3.59 6.13 -14.54
N LEU C 20 4.12 5.05 -13.98
CA LEU C 20 5.55 4.77 -14.02
C LEU C 20 5.77 3.75 -15.14
N LEU C 21 6.85 3.93 -15.89
CA LEU C 21 7.19 3.08 -17.02
C LEU C 21 8.48 2.29 -16.85
N ALA C 22 8.49 1.05 -17.32
CA ALA C 22 9.68 0.23 -17.22
C ALA C 22 10.73 0.80 -18.16
N ALA C 23 11.93 1.03 -17.65
CA ALA C 23 13.03 1.58 -18.44
C ALA C 23 13.48 0.62 -19.54
N LYS C 24 13.50 -0.67 -19.22
CA LYS C 24 13.88 -1.68 -20.20
C LYS C 24 13.06 -2.94 -20.03
N GLU C 25 13.18 -3.84 -21.00
CA GLU C 25 12.46 -5.10 -20.98
C GLU C 25 12.91 -5.98 -19.82
N ILE C 26 11.95 -6.55 -19.12
CA ILE C 26 12.23 -7.37 -17.96
C ILE C 26 11.57 -8.74 -18.04
N HIS C 27 12.25 -9.77 -17.56
CA HIS C 27 11.71 -11.11 -17.55
C HIS C 27 11.77 -11.60 -16.12
N LEU C 28 10.59 -11.83 -15.54
CA LEU C 28 10.50 -12.31 -14.17
C LEU C 28 10.15 -13.79 -14.20
N LEU C 29 11.05 -14.61 -13.66
CA LEU C 29 10.82 -16.05 -13.58
C LEU C 29 9.71 -16.26 -12.54
N PRO C 30 9.22 -17.50 -12.39
CA PRO C 30 8.16 -17.71 -11.39
C PRO C 30 8.71 -17.46 -9.99
N GLY C 31 7.97 -16.69 -9.20
CA GLY C 31 8.37 -16.38 -7.83
C GLY C 31 9.52 -15.39 -7.67
N GLU C 32 10.10 -14.94 -8.77
CA GLU C 32 11.20 -14.00 -8.70
C GLU C 32 10.79 -12.58 -8.34
N VAL C 33 11.67 -11.92 -7.59
CA VAL C 33 11.47 -10.55 -7.15
C VAL C 33 12.47 -9.74 -7.92
N LYS C 34 12.05 -8.59 -8.42
CA LYS C 34 12.95 -7.76 -9.18
C LYS C 34 12.67 -6.30 -8.94
N VAL C 35 13.73 -5.51 -8.89
CA VAL C 35 13.57 -4.08 -8.72
C VAL C 35 13.64 -3.55 -10.15
N ILE C 36 12.48 -3.16 -10.67
CA ILE C 36 12.42 -2.64 -12.04
C ILE C 36 12.75 -1.16 -12.09
N PRO C 37 13.70 -0.77 -12.96
CA PRO C 37 14.14 0.61 -13.13
C PRO C 37 13.19 1.41 -14.02
N THR C 38 12.94 2.66 -13.66
CA THR C 38 12.04 3.50 -14.43
C THR C 38 12.79 4.59 -15.19
N GLY C 39 14.02 4.86 -14.76
CA GLY C 39 14.80 5.88 -15.43
C GLY C 39 14.35 7.28 -15.06
N VAL C 40 13.69 7.42 -13.92
CA VAL C 40 13.24 8.74 -13.51
C VAL C 40 13.77 9.16 -12.16
N LYS C 41 14.10 10.43 -12.06
CA LYS C 41 14.59 10.99 -10.81
C LYS C 41 13.55 12.04 -10.45
N LEU C 42 13.27 12.19 -9.16
CA LEU C 42 12.26 13.14 -8.72
C LEU C 42 12.77 14.17 -7.74
N MET C 43 12.08 15.30 -7.75
CA MET C 43 12.36 16.39 -6.83
C MET C 43 10.98 16.62 -6.23
N LEU C 44 10.64 15.84 -5.20
CA LEU C 44 9.34 15.97 -4.58
C LEU C 44 9.18 17.28 -3.82
N PRO C 45 7.98 17.88 -3.88
CA PRO C 45 7.79 19.14 -3.15
C PRO C 45 8.07 18.95 -1.67
N LYS C 46 8.49 20.02 -1.00
CA LYS C 46 8.80 19.98 0.43
C LYS C 46 7.54 19.68 1.23
N GLY C 47 7.58 18.60 2.02
CA GLY C 47 6.44 18.22 2.83
C GLY C 47 5.70 16.99 2.32
N TYR C 48 6.11 16.49 1.16
CA TYR C 48 5.46 15.33 0.57
C TYR C 48 6.35 14.13 0.32
N TRP C 49 5.71 12.98 0.13
CA TRP C 49 6.40 11.75 -0.17
C TRP C 49 5.67 11.09 -1.35
N GLY C 50 6.34 10.17 -2.04
CA GLY C 50 5.74 9.50 -3.17
C GLY C 50 5.41 8.04 -2.88
N LEU C 51 4.15 7.67 -3.06
CA LEU C 51 3.75 6.30 -2.79
C LEU C 51 3.73 5.50 -4.07
N ILE C 52 4.45 4.40 -4.10
CA ILE C 52 4.48 3.55 -5.28
C ILE C 52 3.48 2.47 -5.00
N ILE C 53 2.51 2.33 -5.89
CA ILE C 53 1.47 1.35 -5.68
C ILE C 53 1.12 0.79 -7.05
N GLY C 54 0.75 -0.48 -7.09
CA GLY C 54 0.42 -1.09 -8.37
C GLY C 54 -0.75 -0.55 -9.19
N LYS C 55 -0.84 -1.06 -10.41
CA LYS C 55 -1.91 -0.71 -11.34
C LYS C 55 -2.70 -2.00 -11.52
N SER C 56 -4.02 -1.89 -11.44
CA SER C 56 -4.86 -3.08 -11.58
C SER C 56 -4.51 -3.93 -12.81
N SER C 57 -4.16 -3.28 -13.92
CA SER C 57 -3.82 -3.96 -15.15
C SER C 57 -2.71 -5.01 -15.06
N ILE C 58 -1.61 -4.70 -14.39
CA ILE C 58 -0.52 -5.69 -14.28
C ILE C 58 -0.70 -6.56 -13.05
N GLY C 59 -1.55 -6.10 -12.14
CA GLY C 59 -1.82 -6.87 -10.94
C GLY C 59 -2.59 -8.11 -11.39
N SER C 60 -3.49 -7.90 -12.34
CA SER C 60 -4.31 -8.97 -12.89
C SER C 60 -3.49 -10.02 -13.64
N LYS C 61 -2.17 -9.86 -13.65
CA LYS C 61 -1.33 -10.81 -14.35
C LYS C 61 -0.50 -11.59 -13.34
N GLY C 62 -0.86 -11.46 -12.07
CA GLY C 62 -0.13 -12.17 -11.03
C GLY C 62 1.18 -11.49 -10.67
N LEU C 63 1.21 -10.17 -10.76
CA LEU C 63 2.40 -9.39 -10.44
C LEU C 63 2.15 -8.46 -9.26
N ASP C 64 2.78 -8.74 -8.13
CA ASP C 64 2.57 -7.90 -6.97
C ASP C 64 3.69 -6.87 -6.84
N VAL C 65 3.31 -5.61 -6.77
CA VAL C 65 4.25 -4.51 -6.58
C VAL C 65 4.30 -4.32 -5.08
N LEU C 66 5.50 -4.39 -4.53
CA LEU C 66 5.65 -4.25 -3.10
C LEU C 66 5.75 -2.80 -2.69
N GLY C 67 4.65 -2.29 -2.16
CA GLY C 67 4.56 -0.91 -1.71
C GLY C 67 5.90 -0.21 -1.55
N GLY C 68 6.07 0.89 -2.25
CA GLY C 68 7.30 1.62 -2.16
C GLY C 68 7.12 3.03 -1.65
N VAL C 69 8.05 3.44 -0.79
CA VAL C 69 8.04 4.78 -0.24
C VAL C 69 9.19 5.56 -0.89
N ILE C 70 8.85 6.68 -1.50
CA ILE C 70 9.83 7.54 -2.12
C ILE C 70 9.97 8.73 -1.18
N ASP C 71 11.11 8.85 -0.52
CA ASP C 71 11.34 9.96 0.41
C ASP C 71 11.48 11.32 -0.26
N GLU C 72 11.18 12.37 0.50
CA GLU C 72 11.28 13.73 0.00
C GLU C 72 12.74 14.00 -0.39
N GLY C 73 13.66 13.58 0.47
CA GLY C 73 15.07 13.80 0.20
C GLY C 73 15.72 12.94 -0.88
N TYR C 74 15.13 11.79 -1.19
CA TYR C 74 15.69 10.88 -2.19
C TYR C 74 15.93 11.51 -3.56
N ARG C 75 17.15 11.37 -4.07
CA ARG C 75 17.50 11.97 -5.35
C ARG C 75 17.96 11.01 -6.44
N GLY C 76 17.91 9.71 -6.15
CA GLY C 76 18.32 8.72 -7.12
C GLY C 76 17.15 8.43 -8.03
N GLU C 77 17.25 7.39 -8.85
CA GLU C 77 16.14 7.07 -9.73
C GLU C 77 15.17 6.12 -9.05
N ILE C 78 13.91 6.23 -9.40
CA ILE C 78 12.87 5.40 -8.82
C ILE C 78 12.90 3.97 -9.35
N GLY C 79 12.73 3.02 -8.44
CA GLY C 79 12.72 1.63 -8.80
C GLY C 79 11.48 0.98 -8.20
N VAL C 80 10.84 0.12 -8.97
CA VAL C 80 9.61 -0.56 -8.53
C VAL C 80 9.90 -2.03 -8.19
N ILE C 81 9.71 -2.40 -6.92
CA ILE C 81 9.93 -3.77 -6.50
C ILE C 81 8.71 -4.60 -6.87
N MET C 82 8.92 -5.62 -7.70
CA MET C 82 7.83 -6.43 -8.18
C MET C 82 8.11 -7.92 -8.01
N ILE C 83 7.08 -8.68 -7.66
CA ILE C 83 7.21 -10.12 -7.48
C ILE C 83 6.26 -10.88 -8.40
N ASN C 84 6.76 -11.94 -9.00
CA ASN C 84 5.92 -12.72 -9.86
C ASN C 84 5.38 -13.86 -8.99
N VAL C 85 4.18 -13.68 -8.48
CA VAL C 85 3.58 -14.70 -7.63
C VAL C 85 2.96 -15.85 -8.43
N SER C 86 2.87 -15.68 -9.76
CA SER C 86 2.29 -16.72 -10.62
C SER C 86 3.27 -17.89 -10.74
N ARG C 87 2.86 -18.91 -11.49
CA ARG C 87 3.69 -20.12 -11.64
C ARG C 87 4.41 -20.24 -12.99
N LYS C 88 4.40 -19.18 -13.78
CA LYS C 88 5.05 -19.19 -15.08
C LYS C 88 5.86 -17.91 -15.25
N SER C 89 6.65 -17.83 -16.32
CA SER C 89 7.44 -16.63 -16.55
C SER C 89 6.61 -15.50 -17.16
N ILE C 90 7.00 -14.26 -16.89
CA ILE C 90 6.28 -13.11 -17.42
C ILE C 90 7.27 -12.11 -17.98
N THR C 91 6.85 -11.38 -19.00
CA THR C 91 7.73 -10.39 -19.62
C THR C 91 7.09 -9.03 -19.58
N LEU C 92 7.86 -8.03 -19.17
CA LEU C 92 7.38 -6.66 -19.15
C LEU C 92 8.15 -6.00 -20.27
N MET C 93 7.45 -5.37 -21.19
CA MET C 93 8.11 -4.74 -22.30
C MET C 93 8.63 -3.38 -21.93
N GLU C 94 9.50 -2.86 -22.78
CA GLU C 94 10.07 -1.55 -22.53
C GLU C 94 8.96 -0.51 -22.58
N ARG C 95 9.01 0.43 -21.65
CA ARG C 95 8.03 1.50 -21.58
C ARG C 95 6.62 1.04 -21.25
N GLN C 96 6.44 -0.22 -20.89
CA GLN C 96 5.11 -0.67 -20.51
C GLN C 96 4.80 -0.05 -19.17
N LYS C 97 3.53 0.25 -18.92
CA LYS C 97 3.14 0.82 -17.63
C LYS C 97 3.21 -0.31 -16.58
N ILE C 98 3.90 -0.03 -15.47
CA ILE C 98 4.10 -1.03 -14.43
C ILE C 98 3.58 -0.63 -13.04
N ALA C 99 3.47 0.67 -12.78
CA ALA C 99 2.99 1.14 -11.48
C ALA C 99 2.55 2.59 -11.56
N GLN C 100 2.19 3.14 -10.41
CA GLN C 100 1.73 4.51 -10.27
C GLN C 100 2.49 5.17 -9.13
N LEU C 101 2.61 6.50 -9.21
CA LEU C 101 3.27 7.27 -8.16
C LEU C 101 2.26 8.29 -7.63
N ILE C 102 2.00 8.26 -6.33
CA ILE C 102 1.05 9.21 -5.75
C ILE C 102 1.74 10.08 -4.71
N ILE C 103 1.59 11.39 -4.86
CA ILE C 103 2.19 12.35 -3.94
C ILE C 103 1.27 12.63 -2.76
N LEU C 104 1.71 12.20 -1.59
CA LEU C 104 0.94 12.37 -0.37
C LEU C 104 1.64 13.26 0.64
N PRO C 105 0.86 13.98 1.47
CA PRO C 105 1.42 14.86 2.49
C PRO C 105 2.14 14.02 3.53
N CYS C 106 3.18 14.60 4.11
CA CYS C 106 4.00 13.93 5.10
C CYS C 106 4.07 14.74 6.40
N LYS C 107 3.79 14.14 7.56
CA LYS C 107 3.87 14.90 8.80
C LYS C 107 5.10 14.54 9.62
N HIS C 108 5.92 15.54 9.94
CA HIS C 108 7.14 15.33 10.72
C HIS C 108 6.99 15.79 12.16
N GLU C 109 7.01 14.83 13.07
CA GLU C 109 6.91 15.09 14.50
C GLU C 109 8.05 14.40 15.22
N VAL C 110 8.75 15.11 16.11
CA VAL C 110 9.83 14.45 16.83
C VAL C 110 9.24 13.45 17.83
N LEU C 111 10.04 12.47 18.21
CA LEU C 111 9.59 11.44 19.15
C LEU C 111 9.97 11.74 20.59
N GLU C 112 9.02 11.46 21.50
CA GLU C 112 9.22 11.66 22.93
C GLU C 112 8.94 10.35 23.65
N GLN C 113 9.83 10.00 24.58
CA GLN C 113 9.71 8.75 25.32
C GLN C 113 8.76 8.80 26.52
N GLY C 114 7.58 9.38 26.34
CA GLY C 114 6.62 9.46 27.44
C GLY C 114 5.93 8.14 27.76
N LYS C 115 4.65 8.22 28.14
CA LYS C 115 3.84 7.03 28.49
C LYS C 115 2.61 6.87 27.56
#